data_5ZNT
#
_entry.id   5ZNT
#
_cell.length_a   136.006
_cell.length_b   136.006
_cell.length_c   77.209
_cell.angle_alpha   90.00
_cell.angle_beta   90.00
_cell.angle_gamma   90.00
#
_symmetry.space_group_name_H-M   'I 4'
#
loop_
_entity.id
_entity.type
_entity.pdbx_description
1 polymer 'chitin deacetylase'
2 branched 2-acetamido-2-deoxy-beta-D-glucopyranose-(1-4)-2-acetamido-2-deoxy-beta-D-glucopyranose
3 non-polymer 'ZINC ION'
4 non-polymer 2-acetamido-2-deoxy-beta-D-glucopyranose
5 water water
#
_entity_poly.entity_id   1
_entity_poly.type   'polypeptide(L)'
_entity_poly.pdbx_seq_one_letter_code
;DPNRAPPCDSSQCVLPDCFCSEDGTVIPGDLPARDVPQMITITFDDAINNNNIELYKEIFNGKRKNPNGCDIKATYFVSH
KYTNYSAVQETHRKGHEIAVHSITHNDDERFWSNATVDDWGKEMAGMRVIIEKFSNITDNSVVGVRAPYLRVGGNNQFTM
MEEQAFLYDSTITAPLSNPPLWPYTMYFRMPHRCHGNLQSCPTRSHAVWEMVMNELDRREDPSNDEYLPGCAMVDSCSNI
LTGDQFYNFLNHNFDRHYEQNRAPLGLYFHAAWLKNNPEFLEAFLYWIDEILQSHNDVYFVTMTQVIQWVQNPRTVTEAK
NFEPWREKCSVEGNPACWVPHSCKLTSKEVPGETINLQTCLRCPVNYPWLNDPTGDGHYHHHHHH
;
_entity_poly.pdbx_strand_id   A
#
# COMPACT_ATOMS: atom_id res chain seq x y z
N PRO A 2 6.47 -22.57 -21.01
CA PRO A 2 5.10 -22.11 -21.14
C PRO A 2 5.14 -20.72 -21.62
N ASN A 3 4.12 -19.96 -21.29
CA ASN A 3 4.09 -18.59 -21.67
C ASN A 3 4.62 -17.57 -20.71
N ARG A 4 5.89 -17.80 -20.51
CA ARG A 4 6.73 -17.03 -19.72
C ARG A 4 6.74 -15.67 -20.34
N ALA A 5 6.50 -14.66 -19.56
CA ALA A 5 6.53 -13.29 -20.06
C ALA A 5 7.91 -12.97 -20.58
N PRO A 6 8.01 -12.24 -21.69
CA PRO A 6 9.32 -11.91 -22.25
C PRO A 6 9.96 -10.77 -21.50
N PRO A 7 11.26 -10.53 -21.72
CA PRO A 7 11.88 -9.34 -21.12
C PRO A 7 11.22 -8.09 -21.66
N CYS A 8 11.28 -7.02 -20.85
CA CYS A 8 10.72 -5.74 -21.24
C CYS A 8 11.08 -5.39 -22.69
N ASP A 9 10.06 -5.05 -23.46
CA ASP A 9 10.21 -4.55 -24.83
C ASP A 9 9.57 -3.17 -24.88
N SER A 10 10.40 -2.12 -24.77
CA SER A 10 9.90 -0.75 -24.71
C SER A 10 9.09 -0.38 -25.94
N SER A 11 9.09 -1.21 -26.98
CA SER A 11 8.35 -0.91 -28.19
C SER A 11 6.88 -1.32 -28.08
N GLN A 12 6.59 -2.45 -27.45
CA GLN A 12 5.21 -2.85 -27.23
C GLN A 12 4.74 -2.68 -25.79
N CYS A 13 5.48 -1.94 -24.98
CA CYS A 13 5.05 -1.58 -23.63
C CYS A 13 5.01 -0.05 -23.56
N VAL A 14 3.84 0.53 -23.80
CA VAL A 14 3.70 1.98 -23.94
C VAL A 14 2.69 2.50 -22.92
N LEU A 15 2.99 3.66 -22.35
CA LEU A 15 2.09 4.31 -21.41
C LEU A 15 0.75 4.62 -22.10
N PRO A 16 -0.36 4.63 -21.35
CA PRO A 16 -0.46 4.44 -19.91
C PRO A 16 -0.77 3.01 -19.48
N ASP A 17 -0.91 2.10 -20.43
CA ASP A 17 -1.30 0.74 -20.08
C ASP A 17 -0.14 -0.05 -19.50
N CYS A 18 1.09 0.31 -19.86
CA CYS A 18 2.21 -0.58 -19.63
C CYS A 18 3.43 0.28 -19.38
N PHE A 19 4.20 -0.10 -18.36
CA PHE A 19 5.48 0.54 -18.12
C PHE A 19 6.50 -0.50 -17.69
N CYS A 20 7.65 -0.51 -18.36
CA CYS A 20 8.76 -1.37 -17.99
C CYS A 20 10.04 -0.72 -18.48
N SER A 21 11.14 -1.11 -17.84
CA SER A 21 12.48 -0.85 -18.35
C SER A 21 13.30 -2.13 -18.11
N GLU A 22 14.50 -2.17 -18.69
CA GLU A 22 15.27 -3.40 -18.66
C GLU A 22 15.65 -3.79 -17.23
N ASP A 23 15.99 -2.81 -16.39
CA ASP A 23 16.30 -3.10 -14.99
C ASP A 23 15.34 -2.42 -14.00
N GLY A 24 14.25 -1.83 -14.46
CA GLY A 24 13.31 -1.24 -13.53
C GLY A 24 13.74 0.07 -12.92
N THR A 25 14.83 0.71 -13.41
CA THR A 25 15.32 1.96 -12.83
C THR A 25 15.00 3.20 -13.66
N VAL A 26 14.50 3.04 -14.88
CA VAL A 26 14.25 4.18 -15.76
C VAL A 26 13.00 4.93 -15.32
N ILE A 27 13.06 6.25 -15.40
CA ILE A 27 11.94 7.12 -15.03
C ILE A 27 10.88 7.10 -16.13
N PRO A 28 9.60 6.98 -15.78
CA PRO A 28 8.55 7.08 -16.80
C PRO A 28 8.67 8.35 -17.61
N GLY A 29 8.34 8.24 -18.90
CA GLY A 29 8.44 9.39 -19.80
C GLY A 29 9.83 9.93 -20.01
N ASP A 30 10.85 9.25 -19.48
CA ASP A 30 12.26 9.67 -19.56
C ASP A 30 12.43 11.13 -19.10
N LEU A 31 11.65 11.53 -18.11
CA LEU A 31 11.85 12.84 -17.52
C LEU A 31 13.20 12.87 -16.79
N PRO A 32 13.89 14.02 -16.77
CA PRO A 32 15.10 14.14 -15.95
C PRO A 32 14.77 14.00 -14.48
N ALA A 33 15.62 13.27 -13.75
CA ALA A 33 15.40 13.07 -12.32
C ALA A 33 15.17 14.38 -11.58
N ARG A 34 15.92 15.44 -11.92
CA ARG A 34 15.80 16.69 -11.20
C ARG A 34 14.44 17.35 -11.40
N ASP A 35 13.68 16.96 -12.42
CA ASP A 35 12.34 17.52 -12.63
C ASP A 35 11.22 16.60 -12.15
N VAL A 36 11.54 15.46 -11.58
CA VAL A 36 10.56 14.47 -11.13
C VAL A 36 10.17 14.75 -9.68
N PRO A 37 8.89 14.90 -9.35
CA PRO A 37 8.49 14.98 -7.93
C PRO A 37 8.84 13.69 -7.21
N GLN A 38 9.43 13.81 -6.04
CA GLN A 38 9.76 12.65 -5.22
C GLN A 38 8.48 12.19 -4.51
N MET A 39 7.94 11.06 -4.93
CA MET A 39 6.74 10.51 -4.31
C MET A 39 7.11 9.65 -3.11
N ILE A 40 6.33 9.77 -2.04
CA ILE A 40 6.48 8.92 -0.86
C ILE A 40 5.13 8.26 -0.60
N THR A 41 5.11 6.94 -0.49
CA THR A 41 3.87 6.19 -0.22
C THR A 41 3.96 5.65 1.21
N ILE A 42 3.41 6.40 2.15
CA ILE A 42 3.18 5.86 3.48
C ILE A 42 2.04 4.85 3.40
N THR A 43 2.24 3.66 3.96
CA THR A 43 1.16 2.68 4.01
C THR A 43 1.04 2.12 5.42
N PHE A 44 -0.14 1.57 5.73
CA PHE A 44 -0.43 0.89 6.98
C PHE A 44 -1.16 -0.42 6.69
N ASP A 45 -0.70 -1.49 7.32
CA ASP A 45 -1.37 -2.74 7.12
C ASP A 45 -2.30 -2.99 8.28
N ASP A 46 -3.13 -3.98 8.02
CA ASP A 46 -3.97 -4.68 8.97
C ASP A 46 -5.02 -3.75 9.54
N ALA A 47 -5.79 -4.21 10.49
CA ALA A 47 -7.06 -3.63 10.88
C ALA A 47 -7.06 -2.14 11.17
N ILE A 48 -8.18 -1.50 10.92
CA ILE A 48 -8.35 -0.13 11.30
C ILE A 48 -9.41 -0.18 12.39
N ASN A 49 -9.10 0.24 13.59
CA ASN A 49 -10.06 0.19 14.69
C ASN A 49 -9.55 1.08 15.81
N ASN A 50 -10.17 0.97 17.00
CA ASN A 50 -9.79 1.91 18.05
C ASN A 50 -8.38 1.65 18.59
N ASN A 51 -7.71 0.58 18.16
CA ASN A 51 -6.29 0.46 18.49
C ASN A 51 -5.45 1.55 17.81
N ASN A 52 -5.93 2.12 16.69
CA ASN A 52 -5.08 3.03 15.91
C ASN A 52 -5.81 4.25 15.33
N ILE A 53 -7.11 4.41 15.55
CA ILE A 53 -7.85 5.51 14.93
C ILE A 53 -7.29 6.85 15.42
N GLU A 54 -6.97 6.96 16.71
CA GLU A 54 -6.42 8.20 17.23
C GLU A 54 -5.01 8.46 16.72
N LEU A 55 -4.19 7.40 16.57
CA LEU A 55 -2.88 7.59 15.96
C LEU A 55 -3.01 8.22 14.57
N TYR A 56 -3.94 7.72 13.75
CA TYR A 56 -4.04 8.26 12.40
C TYR A 56 -4.50 9.72 12.43
N LYS A 57 -5.29 10.10 13.43
CA LYS A 57 -5.69 11.51 13.55
C LYS A 57 -4.50 12.40 13.90
N GLU A 58 -3.59 11.90 14.74
CA GLU A 58 -2.41 12.66 15.10
C GLU A 58 -1.51 12.88 13.89
N ILE A 59 -1.33 11.85 13.07
CA ILE A 59 -0.48 11.96 11.88
C ILE A 59 -1.14 12.85 10.83
N PHE A 60 -2.36 12.47 10.44
CA PHE A 60 -3.06 13.10 9.33
C PHE A 60 -4.05 14.12 9.89
N ASN A 61 -3.48 15.20 10.40
CA ASN A 61 -4.19 16.20 11.19
C ASN A 61 -4.84 17.30 10.35
N GLY A 62 -4.77 17.21 9.03
CA GLY A 62 -5.29 18.28 8.21
C GLY A 62 -4.40 19.50 8.13
N LYS A 63 -3.24 19.48 8.79
CA LYS A 63 -2.26 20.55 8.74
C LYS A 63 -1.00 20.22 7.94
N ARG A 64 -0.79 18.96 7.58
CA ARG A 64 0.38 18.55 6.80
C ARG A 64 -0.06 18.51 5.34
N LYS A 65 0.54 19.37 4.51
CA LYS A 65 0.09 19.56 3.14
C LYS A 65 1.23 19.33 2.18
N ASN A 66 0.93 18.71 1.04
CA ASN A 66 1.86 18.56 -0.07
C ASN A 66 2.09 19.92 -0.75
N PRO A 67 3.06 20.01 -1.66
CA PRO A 67 3.31 21.32 -2.33
C PRO A 67 2.13 21.83 -3.14
N ASN A 68 1.13 20.99 -3.45
CA ASN A 68 -0.08 21.42 -4.13
C ASN A 68 -1.12 21.98 -3.18
N GLY A 69 -0.80 22.14 -1.90
CA GLY A 69 -1.75 22.63 -0.94
C GLY A 69 -2.70 21.58 -0.36
N CYS A 70 -2.64 20.33 -0.81
CA CYS A 70 -3.58 19.31 -0.35
C CYS A 70 -2.99 18.50 0.80
N ASP A 71 -3.88 17.97 1.66
CA ASP A 71 -3.46 17.11 2.76
C ASP A 71 -2.64 15.93 2.25
N ILE A 72 -1.59 15.58 2.97
CA ILE A 72 -0.85 14.37 2.65
C ILE A 72 -1.78 13.16 2.72
N LYS A 73 -1.54 12.18 1.86
CA LYS A 73 -2.42 11.01 1.76
C LYS A 73 -1.60 9.75 1.92
N ALA A 74 -2.22 8.73 2.54
CA ALA A 74 -1.61 7.42 2.77
C ALA A 74 -2.52 6.33 2.20
N THR A 75 -2.02 5.11 2.19
CA THR A 75 -2.73 3.94 1.67
C THR A 75 -2.85 2.91 2.79
N TYR A 76 -4.05 2.37 2.99
CA TYR A 76 -4.33 1.41 4.06
C TYR A 76 -4.62 0.06 3.44
N PHE A 77 -3.76 -0.92 3.71
CA PHE A 77 -4.03 -2.30 3.30
C PHE A 77 -4.78 -2.98 4.43
N VAL A 78 -6.09 -3.12 4.26
CA VAL A 78 -6.99 -3.41 5.38
C VAL A 78 -7.29 -4.90 5.39
N SER A 79 -7.13 -5.53 6.56
CA SER A 79 -7.58 -6.89 6.78
C SER A 79 -8.89 -6.85 7.58
N HIS A 80 -9.69 -7.92 7.47
CA HIS A 80 -11.09 -7.89 7.92
C HIS A 80 -11.21 -7.94 9.43
N LYS A 81 -10.55 -8.91 10.09
CA LYS A 81 -10.96 -9.22 11.46
C LYS A 81 -10.67 -8.04 12.37
N TYR A 82 -11.70 -7.66 13.15
CA TYR A 82 -11.68 -6.55 14.10
C TYR A 82 -11.70 -5.18 13.45
N THR A 83 -11.91 -5.09 12.15
CA THR A 83 -11.89 -3.78 11.51
C THR A 83 -13.20 -3.04 11.76
N ASN A 84 -13.08 -1.73 11.95
CA ASN A 84 -14.21 -0.83 12.13
C ASN A 84 -14.50 -0.20 10.78
N TYR A 85 -15.60 -0.63 10.13
CA TYR A 85 -15.84 -0.18 8.77
C TYR A 85 -16.38 1.24 8.66
N SER A 86 -16.94 1.79 9.74
CA SER A 86 -17.21 3.23 9.75
C SER A 86 -15.91 4.03 9.70
N ALA A 87 -14.89 3.54 10.38
CA ALA A 87 -13.59 4.22 10.37
C ALA A 87 -12.93 4.09 9.00
N VAL A 88 -13.01 2.90 8.40
CA VAL A 88 -12.53 2.73 7.02
C VAL A 88 -13.22 3.73 6.11
N GLN A 89 -14.54 3.86 6.25
CA GLN A 89 -15.31 4.79 5.43
C GLN A 89 -14.86 6.23 5.63
N GLU A 90 -14.58 6.60 6.87
CA GLU A 90 -14.17 7.96 7.15
C GLU A 90 -12.77 8.24 6.62
N THR A 91 -11.86 7.27 6.80
CA THR A 91 -10.53 7.36 6.22
C THR A 91 -10.59 7.58 4.71
N HIS A 92 -11.47 6.83 4.03
CA HIS A 92 -11.66 6.99 2.59
C HIS A 92 -12.27 8.35 2.27
N ARG A 93 -13.26 8.78 3.05
CA ARG A 93 -13.88 10.08 2.83
C ARG A 93 -12.84 11.19 2.92
N LYS A 94 -11.86 11.04 3.82
CA LYS A 94 -10.80 12.02 3.99
C LYS A 94 -9.75 11.95 2.89
N GLY A 95 -9.87 11.04 1.94
CA GLY A 95 -9.00 11.02 0.77
C GLY A 95 -7.84 10.03 0.84
N HIS A 96 -7.75 9.23 1.89
CA HIS A 96 -6.76 8.16 1.90
C HIS A 96 -7.28 6.97 1.09
N GLU A 97 -6.36 6.18 0.57
CA GLU A 97 -6.72 5.05 -0.27
C GLU A 97 -6.96 3.82 0.60
N ILE A 98 -8.00 3.07 0.27
CA ILE A 98 -8.30 1.80 0.95
C ILE A 98 -7.99 0.68 -0.02
N ALA A 99 -7.14 -0.25 0.41
CA ALA A 99 -6.76 -1.42 -0.38
C ALA A 99 -7.00 -2.67 0.47
N VAL A 100 -6.85 -3.87 -0.12
CA VAL A 100 -7.22 -5.10 0.60
C VAL A 100 -5.98 -5.84 1.05
N HIS A 101 -6.09 -6.48 2.21
CA HIS A 101 -5.04 -7.23 2.87
C HIS A 101 -5.60 -8.57 3.36
N SER A 102 -6.65 -9.06 2.69
CA SER A 102 -7.33 -10.36 2.87
C SER A 102 -8.39 -10.37 3.97
N ILE A 103 -9.26 -11.38 3.92
CA ILE A 103 -10.27 -11.58 4.97
C ILE A 103 -9.64 -12.20 6.21
N THR A 104 -8.93 -13.31 6.04
CA THR A 104 -8.50 -14.10 7.19
C THR A 104 -7.14 -13.69 7.74
N HIS A 105 -6.27 -13.08 6.95
CA HIS A 105 -4.87 -12.87 7.35
C HIS A 105 -4.25 -14.16 7.89
N ASN A 106 -4.63 -15.28 7.27
CA ASN A 106 -4.13 -16.61 7.57
C ASN A 106 -2.63 -16.60 7.83
N ASP A 107 -2.22 -17.03 9.03
CA ASP A 107 -0.81 -16.92 9.39
C ASP A 107 0.02 -18.12 8.95
N ASP A 108 -0.59 -19.05 8.22
CA ASP A 108 0.12 -20.17 7.61
C ASP A 108 0.71 -19.70 6.29
N GLU A 109 2.01 -19.38 6.30
CA GLU A 109 2.64 -18.79 5.12
C GLU A 109 2.64 -19.73 3.92
N ARG A 110 2.54 -21.04 4.16
CA ARG A 110 2.50 -21.95 3.03
C ARG A 110 1.13 -21.97 2.37
N PHE A 111 0.07 -21.62 3.11
CA PHE A 111 -1.23 -21.46 2.46
C PHE A 111 -1.14 -20.45 1.33
N TRP A 112 -0.58 -19.26 1.60
CA TRP A 112 -0.53 -18.21 0.60
C TRP A 112 0.35 -18.61 -0.59
N SER A 113 1.53 -19.17 -0.31
CA SER A 113 2.46 -19.43 -1.40
C SER A 113 1.99 -20.57 -2.31
N ASN A 114 1.03 -21.36 -1.85
CA ASN A 114 0.48 -22.49 -2.60
C ASN A 114 -1.03 -22.38 -2.85
N ALA A 115 -1.63 -21.20 -2.66
CA ALA A 115 -3.07 -21.07 -2.79
C ALA A 115 -3.51 -21.06 -4.25
N THR A 116 -4.67 -21.66 -4.50
CA THR A 116 -5.30 -21.65 -5.81
C THR A 116 -5.78 -20.25 -6.19
N VAL A 117 -6.11 -20.09 -7.47
CA VAL A 117 -6.75 -18.86 -7.94
C VAL A 117 -8.01 -18.57 -7.15
N ASP A 118 -8.82 -19.60 -6.89
CA ASP A 118 -10.07 -19.40 -6.17
C ASP A 118 -9.81 -18.98 -4.72
N ASP A 119 -8.80 -19.58 -4.07
CA ASP A 119 -8.44 -19.16 -2.71
C ASP A 119 -8.05 -17.68 -2.68
N TRP A 120 -7.19 -17.26 -3.60
CA TRP A 120 -6.80 -15.85 -3.67
C TRP A 120 -8.02 -14.98 -3.88
N GLY A 121 -8.95 -15.41 -4.73
CA GLY A 121 -10.15 -14.63 -4.99
C GLY A 121 -11.02 -14.51 -3.76
N LYS A 122 -11.23 -15.62 -3.04
CA LYS A 122 -12.06 -15.55 -1.83
C LYS A 122 -11.46 -14.61 -0.80
N GLU A 123 -10.13 -14.65 -0.64
CA GLU A 123 -9.46 -13.79 0.32
C GLU A 123 -9.50 -12.33 -0.11
N MET A 124 -9.16 -12.04 -1.38
CA MET A 124 -8.92 -10.65 -1.77
C MET A 124 -10.16 -10.02 -2.39
N ALA A 125 -10.79 -10.69 -3.36
CA ALA A 125 -12.04 -10.15 -3.89
C ALA A 125 -13.13 -10.17 -2.83
N GLY A 126 -13.12 -11.18 -1.95
CA GLY A 126 -14.06 -11.18 -0.84
C GLY A 126 -13.86 -9.99 0.07
N MET A 127 -12.60 -9.68 0.42
CA MET A 127 -12.35 -8.52 1.28
C MET A 127 -12.80 -7.23 0.60
N ARG A 128 -12.59 -7.13 -0.73
CA ARG A 128 -13.13 -5.97 -1.44
C ARG A 128 -14.65 -5.86 -1.30
N VAL A 129 -15.35 -6.99 -1.36
CA VAL A 129 -16.80 -6.97 -1.19
C VAL A 129 -17.18 -6.46 0.20
N ILE A 130 -16.48 -6.96 1.23
CA ILE A 130 -16.77 -6.52 2.60
C ILE A 130 -16.61 -5.01 2.72
N ILE A 131 -15.48 -4.49 2.23
CA ILE A 131 -15.21 -3.05 2.34
C ILE A 131 -16.27 -2.25 1.61
N GLU A 132 -16.51 -2.60 0.34
CA GLU A 132 -17.46 -1.84 -0.48
C GLU A 132 -18.83 -1.82 0.15
N LYS A 133 -19.26 -2.95 0.74
CA LYS A 133 -20.54 -2.96 1.42
C LYS A 133 -20.51 -2.19 2.73
N PHE A 134 -19.68 -2.61 3.69
CA PHE A 134 -19.82 -2.07 5.03
C PHE A 134 -19.19 -0.71 5.22
N SER A 135 -18.34 -0.26 4.29
CA SER A 135 -17.89 1.13 4.27
C SER A 135 -18.61 1.94 3.19
N ASN A 136 -19.55 1.33 2.47
CA ASN A 136 -20.35 2.02 1.46
C ASN A 136 -19.47 2.80 0.48
N ILE A 137 -18.53 2.09 -0.11
CA ILE A 137 -17.64 2.66 -1.11
C ILE A 137 -18.15 2.20 -2.46
N THR A 138 -18.58 3.17 -3.27
CA THR A 138 -19.27 2.85 -4.52
C THR A 138 -18.53 3.30 -5.76
N ASP A 139 -17.35 3.93 -5.62
CA ASP A 139 -16.66 4.50 -6.77
C ASP A 139 -15.59 3.59 -7.34
N ASN A 140 -15.59 2.29 -6.98
CA ASN A 140 -14.63 1.31 -7.51
C ASN A 140 -13.17 1.70 -7.28
N SER A 141 -12.89 2.39 -6.17
CA SER A 141 -11.54 2.85 -5.85
C SER A 141 -10.75 1.91 -4.94
N VAL A 142 -11.33 0.79 -4.50
CA VAL A 142 -10.61 -0.25 -3.77
C VAL A 142 -9.97 -1.17 -4.82
N VAL A 143 -8.69 -0.97 -5.13
CA VAL A 143 -8.12 -1.57 -6.34
C VAL A 143 -6.77 -2.23 -6.09
N GLY A 144 -6.20 -2.06 -4.89
CA GLY A 144 -4.90 -2.62 -4.59
C GLY A 144 -4.94 -3.83 -3.68
N VAL A 145 -3.90 -4.64 -3.74
CA VAL A 145 -3.77 -5.87 -2.96
C VAL A 145 -2.39 -5.90 -2.32
N ARG A 146 -2.33 -6.31 -1.05
CA ARG A 146 -1.08 -6.73 -0.43
C ARG A 146 -1.33 -8.00 0.35
N ALA A 147 -0.55 -9.04 0.08
CA ALA A 147 -0.75 -10.34 0.74
C ALA A 147 -0.19 -10.35 2.15
N PRO A 148 -0.90 -10.99 3.09
CA PRO A 148 -0.35 -11.23 4.42
C PRO A 148 1.04 -11.83 4.37
N TYR A 149 1.89 -11.37 5.30
CA TYR A 149 3.30 -11.78 5.45
C TYR A 149 4.09 -11.60 4.15
N LEU A 150 3.61 -10.75 3.24
CA LEU A 150 4.22 -10.50 1.93
C LEU A 150 4.50 -11.81 1.19
N ARG A 151 3.55 -12.76 1.28
CA ARG A 151 3.69 -14.02 0.57
C ARG A 151 3.11 -13.88 -0.82
N VAL A 152 3.98 -13.83 -1.83
CA VAL A 152 3.52 -13.74 -3.21
C VAL A 152 2.91 -15.07 -3.63
N GLY A 153 1.84 -15.01 -4.43
CA GLY A 153 1.13 -16.22 -4.85
C GLY A 153 1.45 -16.70 -6.25
N GLY A 154 2.73 -16.66 -6.64
CA GLY A 154 3.12 -17.08 -7.98
C GLY A 154 2.21 -16.49 -9.03
N ASN A 155 1.90 -17.29 -10.05
CA ASN A 155 0.99 -16.82 -11.08
C ASN A 155 -0.45 -16.79 -10.61
N ASN A 156 -0.80 -17.66 -9.66
CA ASN A 156 -2.18 -17.76 -9.20
C ASN A 156 -2.68 -16.43 -8.67
N GLN A 157 -1.89 -15.78 -7.80
CA GLN A 157 -2.30 -14.49 -7.26
C GLN A 157 -2.62 -13.51 -8.37
N PHE A 158 -1.74 -13.45 -9.39
CA PHE A 158 -1.90 -12.45 -10.42
C PHE A 158 -2.95 -12.84 -11.44
N THR A 159 -3.12 -14.14 -11.71
CA THR A 159 -4.28 -14.57 -12.49
C THR A 159 -5.57 -14.11 -11.82
N MET A 160 -5.68 -14.34 -10.50
CA MET A 160 -6.85 -13.84 -9.78
C MET A 160 -7.00 -12.34 -9.98
N MET A 161 -5.93 -11.58 -9.77
CA MET A 161 -6.07 -10.13 -9.76
C MET A 161 -6.51 -9.62 -11.13
N GLU A 162 -6.04 -10.26 -12.20
CA GLU A 162 -6.49 -9.83 -13.52
C GLU A 162 -7.97 -10.18 -13.72
N GLU A 163 -8.37 -11.41 -13.38
CA GLU A 163 -9.77 -11.79 -13.52
C GLU A 163 -10.68 -10.90 -12.67
N GLN A 164 -10.20 -10.44 -11.50
CA GLN A 164 -11.01 -9.65 -10.58
C GLN A 164 -10.89 -8.15 -10.81
N ALA A 165 -10.08 -7.74 -11.80
CA ALA A 165 -9.96 -6.34 -12.16
C ALA A 165 -9.38 -5.50 -11.02
N PHE A 166 -8.45 -6.08 -10.28
CA PHE A 166 -7.64 -5.27 -9.38
C PHE A 166 -6.64 -4.47 -10.22
N LEU A 167 -6.24 -3.30 -9.70
CA LEU A 167 -5.31 -2.46 -10.47
C LEU A 167 -3.87 -2.85 -10.18
N TYR A 168 -3.52 -3.02 -8.91
CA TYR A 168 -2.12 -3.24 -8.61
C TYR A 168 -1.97 -4.18 -7.44
N ASP A 169 -0.80 -4.82 -7.40
CA ASP A 169 -0.30 -5.54 -6.26
C ASP A 169 0.85 -4.76 -5.63
N SER A 170 0.97 -4.86 -4.31
CA SER A 170 2.16 -4.36 -3.59
C SER A 170 2.54 -5.44 -2.58
N THR A 171 3.00 -6.56 -3.10
CA THR A 171 3.48 -7.68 -2.30
C THR A 171 4.91 -8.08 -2.64
N ILE A 172 5.37 -7.81 -3.86
CA ILE A 172 6.67 -8.26 -4.31
C ILE A 172 7.75 -7.33 -3.78
N THR A 173 8.75 -7.89 -3.12
CA THR A 173 9.87 -7.12 -2.59
C THR A 173 11.03 -7.11 -3.59
N ALA A 174 11.68 -5.95 -3.74
CA ALA A 174 12.89 -5.89 -4.55
C ALA A 174 14.09 -5.73 -3.63
N PRO A 175 15.14 -6.54 -3.80
CA PRO A 175 16.28 -6.41 -2.89
C PRO A 175 16.89 -5.03 -2.97
N LEU A 176 17.44 -4.59 -1.85
CA LEU A 176 18.16 -3.32 -1.75
C LEU A 176 19.08 -3.14 -2.95
N SER A 177 18.87 -2.04 -3.66
CA SER A 177 19.50 -1.75 -4.95
C SER A 177 19.74 -0.26 -5.02
N ASN A 178 20.77 0.14 -5.75
CA ASN A 178 21.02 1.55 -6.06
C ASN A 178 21.26 1.70 -7.55
N PRO A 179 20.38 2.37 -8.29
CA PRO A 179 19.20 3.03 -7.70
C PRO A 179 18.05 2.04 -7.38
N PRO A 180 17.09 2.46 -6.56
CA PRO A 180 15.89 1.64 -6.33
C PRO A 180 15.02 1.59 -7.58
N LEU A 181 13.95 0.80 -7.52
CA LEU A 181 13.16 0.48 -8.70
C LEU A 181 11.86 1.28 -8.72
N TRP A 182 11.46 1.71 -9.92
CA TRP A 182 10.14 2.26 -10.19
C TRP A 182 9.12 1.13 -10.27
N PRO A 183 7.84 1.41 -10.00
CA PRO A 183 6.79 0.40 -10.26
C PRO A 183 6.89 -0.11 -11.69
N TYR A 184 6.34 -1.29 -11.91
CA TYR A 184 6.34 -1.89 -13.24
C TYR A 184 5.07 -2.70 -13.41
N THR A 185 4.66 -2.90 -14.67
CA THR A 185 3.54 -3.79 -14.91
C THR A 185 4.05 -5.21 -15.12
N MET A 186 3.16 -6.18 -14.92
CA MET A 186 3.57 -7.58 -14.98
C MET A 186 3.38 -8.19 -16.37
N TYR A 187 3.16 -7.38 -17.41
CA TYR A 187 3.07 -7.93 -18.76
C TYR A 187 4.39 -8.56 -19.19
N PHE A 188 5.50 -8.04 -18.68
CA PHE A 188 6.84 -8.47 -19.01
C PHE A 188 7.52 -8.98 -17.76
N ARG A 189 8.60 -9.75 -17.97
CA ARG A 189 9.35 -10.35 -16.89
C ARG A 189 9.72 -9.30 -15.83
N MET A 190 9.63 -9.71 -14.57
CA MET A 190 10.04 -8.86 -13.47
C MET A 190 11.49 -8.39 -13.69
N PRO A 191 11.80 -7.14 -13.41
CA PRO A 191 13.16 -6.64 -13.64
C PRO A 191 14.10 -6.90 -12.47
N HIS A 192 13.81 -7.89 -11.63
CA HIS A 192 14.64 -8.19 -10.48
C HIS A 192 14.34 -9.62 -10.05
N ARG A 193 15.22 -10.15 -9.20
CA ARG A 193 15.06 -11.52 -8.70
C ARG A 193 13.84 -11.63 -7.79
N CYS A 194 13.26 -12.82 -7.79
CA CYS A 194 12.26 -13.18 -6.78
C CYS A 194 12.95 -13.23 -5.42
N HIS A 195 12.56 -12.35 -4.51
CA HIS A 195 13.32 -12.08 -3.29
C HIS A 195 12.52 -12.51 -2.07
N GLY A 196 13.20 -13.19 -1.15
CA GLY A 196 12.59 -13.65 0.09
C GLY A 196 12.54 -15.16 0.24
N ASN A 197 12.33 -15.60 1.47
CA ASN A 197 12.40 -17.02 1.79
C ASN A 197 11.29 -17.80 1.08
N LEU A 198 11.69 -18.73 0.21
CA LEU A 198 10.77 -19.67 -0.41
C LEU A 198 9.67 -18.97 -1.22
N GLN A 199 9.97 -17.79 -1.77
CA GLN A 199 8.94 -17.01 -2.43
C GLN A 199 8.62 -17.61 -3.80
N SER A 200 7.36 -17.57 -4.15
CA SER A 200 6.88 -18.02 -5.45
C SER A 200 6.37 -16.79 -6.19
N CYS A 201 7.16 -16.30 -7.21
CA CYS A 201 6.80 -15.09 -7.96
C CYS A 201 6.15 -15.45 -9.28
N PRO A 202 5.36 -14.53 -9.84
CA PRO A 202 4.76 -14.79 -11.15
C PRO A 202 5.82 -14.91 -12.23
N THR A 203 5.50 -15.70 -13.26
CA THR A 203 6.38 -15.86 -14.40
C THR A 203 5.72 -15.53 -15.72
N ARG A 204 4.39 -15.63 -15.82
CA ARG A 204 3.70 -15.33 -17.05
C ARG A 204 3.30 -13.86 -17.10
N SER A 205 2.71 -13.46 -18.23
CA SER A 205 2.24 -12.10 -18.41
C SER A 205 0.90 -11.90 -17.68
N HIS A 206 0.81 -10.82 -16.93
CA HIS A 206 -0.40 -10.47 -16.20
C HIS A 206 -0.62 -8.98 -16.33
N ALA A 207 -1.86 -8.58 -16.62
CA ALA A 207 -2.22 -7.17 -16.79
C ALA A 207 -2.48 -6.52 -15.43
N VAL A 208 -1.42 -6.45 -14.63
CA VAL A 208 -1.48 -5.98 -13.25
C VAL A 208 -0.26 -5.11 -13.00
N TRP A 209 -0.45 -4.00 -12.30
CA TRP A 209 0.68 -3.19 -11.87
C TRP A 209 1.30 -3.79 -10.61
N GLU A 210 2.63 -3.65 -10.49
CA GLU A 210 3.32 -4.02 -9.26
C GLU A 210 3.88 -2.74 -8.63
N MET A 211 3.30 -2.35 -7.49
CA MET A 211 3.87 -1.27 -6.68
C MET A 211 4.99 -1.88 -5.85
N VAL A 212 6.15 -2.04 -6.50
CA VAL A 212 7.20 -2.88 -5.94
C VAL A 212 7.67 -2.30 -4.62
N MET A 213 8.01 -3.18 -3.69
CA MET A 213 8.43 -2.79 -2.35
C MET A 213 9.94 -2.85 -2.31
N ASN A 214 10.59 -1.71 -2.58
CA ASN A 214 12.04 -1.62 -2.47
C ASN A 214 12.47 -1.78 -1.03
N GLU A 215 13.42 -2.68 -0.77
CA GLU A 215 13.99 -2.74 0.56
C GLU A 215 14.68 -1.43 0.90
N LEU A 216 14.63 -1.06 2.16
CA LEU A 216 15.35 0.11 2.64
C LEU A 216 16.69 -0.32 3.23
N ASP A 217 17.65 0.59 3.20
CA ASP A 217 19.01 0.38 3.70
C ASP A 217 19.02 0.67 5.19
N ARG A 218 19.24 -0.35 5.99
CA ARG A 218 19.17 -0.17 7.45
C ARG A 218 20.53 0.13 8.07
N ARG A 219 21.59 0.27 7.27
CA ARG A 219 22.92 0.45 7.83
C ARG A 219 22.99 1.75 8.62
N GLU A 220 23.39 1.65 9.89
CA GLU A 220 23.50 2.82 10.74
C GLU A 220 24.59 3.77 10.24
N ASP A 221 25.61 3.22 9.59
CA ASP A 221 26.69 4.02 9.00
C ASP A 221 26.87 3.57 7.56
N PRO A 222 26.07 4.13 6.63
CA PRO A 222 26.12 3.67 5.24
C PRO A 222 27.44 3.96 4.54
N SER A 223 28.36 4.63 5.23
CA SER A 223 29.65 5.00 4.67
C SER A 223 30.62 3.84 4.51
N ASN A 224 30.47 2.76 5.30
CA ASN A 224 31.31 1.59 5.09
C ASN A 224 30.99 0.93 3.74
N ASP A 225 31.58 -0.24 3.51
CA ASP A 225 31.07 -1.19 2.54
C ASP A 225 30.54 -2.44 3.23
N GLU A 226 30.35 -2.37 4.55
CA GLU A 226 29.66 -3.42 5.30
C GLU A 226 28.32 -3.72 4.64
N TYR A 227 28.00 -5.00 4.53
CA TYR A 227 26.82 -5.47 3.84
C TYR A 227 25.79 -5.99 4.84
N LEU A 228 24.56 -5.50 4.71
CA LEU A 228 23.45 -5.93 5.56
C LEU A 228 22.24 -6.12 4.65
N PRO A 229 21.45 -7.16 4.86
CA PRO A 229 20.19 -7.27 4.11
C PRO A 229 19.34 -6.03 4.35
N GLY A 230 18.60 -5.62 3.33
CA GLY A 230 17.68 -4.51 3.48
C GLY A 230 16.44 -4.94 4.26
N CYS A 231 15.45 -4.04 4.32
CA CYS A 231 14.20 -4.37 4.99
C CYS A 231 13.07 -3.62 4.30
N ALA A 232 11.96 -4.33 4.03
CA ALA A 232 10.85 -3.71 3.32
C ALA A 232 9.85 -3.09 4.30
N MET A 233 9.29 -3.89 5.19
CA MET A 233 8.46 -3.33 6.25
C MET A 233 9.35 -2.62 7.26
N VAL A 234 8.96 -1.41 7.65
CA VAL A 234 9.79 -0.64 8.56
C VAL A 234 10.03 -1.42 9.85
N ASP A 235 9.01 -2.08 10.38
CA ASP A 235 9.20 -2.79 11.64
C ASP A 235 10.06 -4.05 11.50
N SER A 236 10.35 -4.48 10.28
CA SER A 236 11.31 -5.56 10.11
C SER A 236 12.76 -5.07 10.14
N CYS A 237 13.01 -3.76 10.26
CA CYS A 237 14.39 -3.23 10.37
C CYS A 237 14.79 -3.28 11.83
N SER A 238 15.23 -4.47 12.26
CA SER A 238 15.32 -4.78 13.69
C SER A 238 16.43 -4.05 14.42
N ASN A 239 17.40 -3.46 13.72
CA ASN A 239 18.42 -2.66 14.37
C ASN A 239 18.00 -1.23 14.69
N ILE A 240 16.80 -0.81 14.28
CA ILE A 240 16.32 0.53 14.61
C ILE A 240 15.75 0.52 16.02
N LEU A 241 16.49 1.08 16.98
CA LEU A 241 16.09 1.04 18.38
C LEU A 241 15.76 2.39 19.00
N THR A 242 16.25 3.50 18.44
CA THR A 242 15.98 4.82 18.99
C THR A 242 15.34 5.73 17.94
N GLY A 243 14.70 6.80 18.43
CA GLY A 243 14.17 7.80 17.53
C GLY A 243 15.21 8.45 16.65
N ASP A 244 16.40 8.70 17.20
CA ASP A 244 17.47 9.28 16.38
C ASP A 244 17.89 8.36 15.25
N GLN A 245 18.02 7.06 15.55
CA GLN A 245 18.37 6.11 14.50
C GLN A 245 17.31 6.09 13.40
N PHE A 246 16.04 6.10 13.80
CA PHE A 246 14.93 6.11 12.85
C PHE A 246 14.95 7.37 11.99
N TYR A 247 15.19 8.52 12.63
CA TYR A 247 15.29 9.78 11.89
C TYR A 247 16.40 9.71 10.84
N ASN A 248 17.60 9.26 11.23
CA ASN A 248 18.68 9.17 10.25
C ASN A 248 18.37 8.12 9.18
N PHE A 249 17.73 7.02 9.57
CA PHE A 249 17.31 6.01 8.62
C PHE A 249 16.36 6.59 7.57
N LEU A 250 15.40 7.42 7.99
CA LEU A 250 14.50 8.05 7.03
C LEU A 250 15.26 9.01 6.11
N ASN A 251 16.17 9.81 6.65
CA ASN A 251 16.94 10.72 5.80
C ASN A 251 17.80 9.97 4.80
N HIS A 252 18.49 8.91 5.27
CA HIS A 252 19.40 8.17 4.39
C HIS A 252 18.64 7.54 3.23
N ASN A 253 17.48 6.92 3.51
CA ASN A 253 16.76 6.28 2.42
C ASN A 253 16.02 7.28 1.55
N PHE A 254 15.54 8.38 2.14
CA PHE A 254 15.04 9.46 1.29
C PHE A 254 16.12 9.90 0.30
N ASP A 255 17.35 10.15 0.78
CA ASP A 255 18.41 10.62 -0.11
C ASP A 255 18.74 9.60 -1.18
N ARG A 256 18.74 8.30 -0.82
CA ARG A 256 18.98 7.26 -1.82
C ARG A 256 18.03 7.40 -3.00
N HIS A 257 16.75 7.69 -2.73
CA HIS A 257 15.81 7.85 -3.84
C HIS A 257 15.95 9.23 -4.48
N TYR A 258 15.95 10.27 -3.65
CA TYR A 258 15.89 11.64 -4.15
C TYR A 258 17.13 12.00 -4.97
N GLU A 259 18.30 11.46 -4.60
CA GLU A 259 19.55 11.77 -5.29
C GLU A 259 19.84 10.83 -6.44
N GLN A 260 19.00 9.81 -6.68
CA GLN A 260 19.25 8.93 -7.83
C GLN A 260 18.15 9.07 -8.88
N ASN A 261 17.28 8.08 -8.99
CA ASN A 261 16.25 8.11 -10.02
C ASN A 261 14.89 8.57 -9.51
N ARG A 262 14.82 9.05 -8.27
CA ARG A 262 13.56 9.50 -7.67
C ARG A 262 12.44 8.45 -7.76
N ALA A 263 12.81 7.18 -7.66
CA ALA A 263 11.79 6.14 -7.56
C ALA A 263 10.92 6.41 -6.34
N PRO A 264 9.61 6.23 -6.43
CA PRO A 264 8.76 6.38 -5.25
C PRO A 264 9.34 5.63 -4.05
N LEU A 265 9.37 6.31 -2.92
CA LEU A 265 9.90 5.74 -1.68
C LEU A 265 8.74 5.18 -0.86
N GLY A 266 8.78 3.87 -0.54
CA GLY A 266 7.71 3.24 0.21
C GLY A 266 8.07 3.12 1.66
N LEU A 267 7.24 3.73 2.54
CA LEU A 267 7.40 3.64 3.98
C LEU A 267 6.21 2.83 4.52
N TYR A 268 6.46 1.55 4.77
CA TYR A 268 5.38 0.58 4.99
C TYR A 268 5.31 0.25 6.48
N PHE A 269 4.25 0.70 7.15
CA PHE A 269 4.14 0.62 8.60
C PHE A 269 3.06 -0.36 9.06
N HIS A 270 3.23 -0.79 10.31
CA HIS A 270 2.12 -1.23 11.16
C HIS A 270 1.90 -0.16 12.21
N ALA A 271 0.64 0.26 12.36
CA ALA A 271 0.32 1.30 13.33
C ALA A 271 0.87 0.97 14.71
N ALA A 272 0.76 -0.30 15.12
CA ALA A 272 1.15 -0.66 16.48
C ALA A 272 2.63 -0.34 16.74
N TRP A 273 3.48 -0.52 15.71
CA TRP A 273 4.90 -0.22 15.85
C TRP A 273 5.12 1.26 16.18
N LEU A 274 4.37 2.16 15.51
CA LEU A 274 4.45 3.58 15.84
C LEU A 274 3.83 3.87 17.20
N LYS A 275 2.68 3.27 17.48
CA LYS A 275 1.98 3.57 18.72
C LYS A 275 2.74 3.06 19.94
N ASN A 276 3.33 1.86 19.84
CA ASN A 276 3.97 1.28 21.01
C ASN A 276 5.33 1.88 21.28
N ASN A 277 5.86 2.68 20.35
CA ASN A 277 7.19 3.29 20.49
C ASN A 277 7.06 4.78 20.28
N PRO A 278 6.60 5.53 21.28
CA PRO A 278 6.45 6.99 21.12
C PRO A 278 7.65 7.72 20.49
N GLU A 279 8.90 7.33 20.76
CA GLU A 279 10.02 8.02 20.13
C GLU A 279 10.05 7.79 18.62
N PHE A 280 9.53 6.66 18.16
CA PHE A 280 9.49 6.44 16.72
C PHE A 280 8.43 7.34 16.09
N LEU A 281 7.25 7.42 16.69
CA LEU A 281 6.24 8.34 16.19
C LEU A 281 6.77 9.77 16.20
N GLU A 282 7.41 10.18 17.31
CA GLU A 282 7.92 11.54 17.40
C GLU A 282 8.95 11.82 16.31
N ALA A 283 9.87 10.89 16.10
CA ALA A 283 10.88 11.06 15.05
C ALA A 283 10.24 11.08 13.67
N PHE A 284 9.23 10.25 13.45
CA PHE A 284 8.58 10.19 12.15
C PHE A 284 7.89 11.52 11.83
N LEU A 285 7.13 12.04 12.78
CA LEU A 285 6.45 13.31 12.55
C LEU A 285 7.45 14.46 12.39
N TYR A 286 8.49 14.49 13.22
CA TYR A 286 9.54 15.49 13.04
C TYR A 286 10.09 15.43 11.61
N TRP A 287 10.41 14.21 11.15
CA TRP A 287 10.93 14.03 9.80
C TRP A 287 9.94 14.52 8.74
N ILE A 288 8.69 14.07 8.82
CA ILE A 288 7.66 14.50 7.87
C ILE A 288 7.58 16.02 7.82
N ASP A 289 7.51 16.66 8.98
CA ASP A 289 7.35 18.11 9.01
C ASP A 289 8.59 18.80 8.45
N GLU A 290 9.77 18.26 8.74
CA GLU A 290 11.00 18.82 8.22
C GLU A 290 11.09 18.65 6.70
N ILE A 291 10.71 17.48 6.18
CA ILE A 291 10.71 17.26 4.73
C ILE A 291 9.70 18.17 4.04
N LEU A 292 8.48 18.25 4.57
CA LEU A 292 7.45 19.07 3.94
C LEU A 292 7.85 20.54 3.86
N GLN A 293 8.47 21.07 4.92
CA GLN A 293 8.81 22.49 4.91
C GLN A 293 9.95 22.78 3.93
N SER A 294 10.91 21.87 3.82
CA SER A 294 12.11 22.16 3.07
C SER A 294 12.03 21.75 1.61
N HIS A 295 11.01 21.00 1.21
CA HIS A 295 10.94 20.47 -0.14
C HIS A 295 9.67 20.92 -0.83
N ASN A 296 9.82 21.67 -1.90
CA ASN A 296 8.69 21.94 -2.78
CA ASN A 296 8.71 21.96 -2.79
C ASN A 296 8.49 20.85 -3.81
N ASP A 297 9.32 19.80 -3.78
CA ASP A 297 9.31 18.76 -4.82
C ASP A 297 9.07 17.37 -4.25
N VAL A 298 8.48 17.26 -3.06
CA VAL A 298 8.21 15.97 -2.41
C VAL A 298 6.71 15.89 -2.14
N TYR A 299 6.08 14.80 -2.58
CA TYR A 299 4.65 14.58 -2.40
C TYR A 299 4.40 13.25 -1.69
N PHE A 300 3.62 13.30 -0.60
CA PHE A 300 3.11 12.09 0.06
C PHE A 300 1.78 11.75 -0.57
N VAL A 301 1.74 10.65 -1.35
CA VAL A 301 0.59 10.29 -2.17
C VAL A 301 0.20 8.84 -1.91
N THR A 302 -1.02 8.49 -2.36
CA THR A 302 -1.47 7.12 -2.32
C THR A 302 -0.78 6.29 -3.40
N MET A 303 -0.93 4.97 -3.29
CA MET A 303 -0.39 4.07 -4.32
C MET A 303 -1.06 4.31 -5.66
N THR A 304 -2.40 4.40 -5.66
CA THR A 304 -3.10 4.70 -6.91
C THR A 304 -2.59 6.01 -7.52
N GLN A 305 -2.28 7.00 -6.68
CA GLN A 305 -1.79 8.27 -7.20
C GLN A 305 -0.40 8.13 -7.82
N VAL A 306 0.44 7.20 -7.34
CA VAL A 306 1.69 6.93 -8.02
C VAL A 306 1.43 6.43 -9.43
N ILE A 307 0.54 5.43 -9.56
CA ILE A 307 0.22 4.87 -10.87
C ILE A 307 -0.35 5.95 -11.79
N GLN A 308 -1.16 6.86 -11.24
CA GLN A 308 -1.72 7.91 -12.08
C GLN A 308 -0.62 8.83 -12.62
N TRP A 309 0.40 9.11 -11.80
CA TRP A 309 1.54 9.89 -12.28
C TRP A 309 2.33 9.10 -13.33
N VAL A 310 2.58 7.82 -13.09
CA VAL A 310 3.31 7.00 -14.07
C VAL A 310 2.59 7.03 -15.41
N GLN A 311 1.27 7.08 -15.39
CA GLN A 311 0.49 7.04 -16.61
C GLN A 311 0.48 8.38 -17.34
N ASN A 312 0.82 9.46 -16.64
CA ASN A 312 0.86 10.78 -17.24
C ASN A 312 1.92 11.60 -16.51
N PRO A 313 3.19 11.33 -16.77
CA PRO A 313 4.25 11.92 -15.95
C PRO A 313 4.24 13.45 -15.98
N ARG A 314 4.29 14.05 -14.79
CA ARG A 314 4.27 15.49 -14.60
C ARG A 314 5.57 15.92 -13.94
N THR A 315 6.13 17.02 -14.41
CA THR A 315 7.29 17.60 -13.75
C THR A 315 6.88 18.21 -12.42
N VAL A 316 7.88 18.56 -11.61
CA VAL A 316 7.60 19.22 -10.34
C VAL A 316 6.71 20.43 -10.55
N THR A 317 6.98 21.21 -11.61
CA THR A 317 6.18 22.41 -11.83
C THR A 317 4.75 22.06 -12.20
N GLU A 318 4.57 21.08 -13.08
CA GLU A 318 3.22 20.67 -13.45
C GLU A 318 2.48 19.98 -12.32
N ALA A 319 3.21 19.37 -11.36
CA ALA A 319 2.55 18.56 -10.35
C ALA A 319 1.57 19.36 -9.49
N LYS A 320 1.81 20.66 -9.34
CA LYS A 320 0.97 21.49 -8.49
C LYS A 320 -0.49 21.50 -8.93
N ASN A 321 -0.75 21.33 -10.22
CA ASN A 321 -2.12 21.37 -10.71
C ASN A 321 -2.55 20.04 -11.32
N PHE A 322 -1.82 18.97 -11.04
CA PHE A 322 -2.19 17.63 -11.48
C PHE A 322 -3.47 17.19 -10.78
N GLU A 323 -4.55 17.02 -11.54
CA GLU A 323 -5.85 16.81 -10.93
C GLU A 323 -5.96 15.52 -10.12
N PRO A 324 -5.43 14.36 -10.54
CA PRO A 324 -5.57 13.16 -9.69
C PRO A 324 -4.98 13.36 -8.30
N TRP A 325 -3.89 14.12 -8.19
CA TRP A 325 -3.31 14.37 -6.87
C TRP A 325 -4.09 15.37 -6.04
N ARG A 326 -5.11 16.01 -6.62
CA ARG A 326 -5.93 16.98 -5.90
C ARG A 326 -7.31 16.42 -5.54
N GLU A 327 -7.62 15.17 -5.90
CA GLU A 327 -8.88 14.57 -5.48
C GLU A 327 -8.94 14.55 -3.96
N LYS A 328 -10.09 14.95 -3.42
CA LYS A 328 -10.29 15.06 -1.98
C LYS A 328 -9.11 15.81 -1.36
N CYS A 329 -8.88 17.02 -1.90
CA CYS A 329 -7.72 17.81 -1.56
C CYS A 329 -7.60 18.02 -0.07
N SER A 330 -8.59 18.68 0.53
CA SER A 330 -8.54 19.03 1.95
C SER A 330 -9.96 18.89 2.48
N VAL A 331 -10.36 17.63 2.71
CA VAL A 331 -11.75 17.33 3.06
C VAL A 331 -12.01 17.74 4.49
N GLU A 332 -13.09 18.48 4.70
CA GLU A 332 -13.59 18.69 6.06
C GLU A 332 -14.91 17.95 6.22
N GLY A 333 -16.02 18.67 6.32
CA GLY A 333 -17.34 18.07 6.34
C GLY A 333 -17.64 17.20 7.55
N ASN A 334 -18.67 16.38 7.40
CA ASN A 334 -19.14 15.52 8.47
C ASN A 334 -19.02 14.05 8.10
N PRO A 335 -18.88 13.17 9.08
CA PRO A 335 -18.85 11.72 8.79
C PRO A 335 -20.18 11.25 8.22
N ALA A 336 -20.13 10.09 7.54
CA ALA A 336 -21.30 9.56 6.87
C ALA A 336 -22.44 9.28 7.85
N CYS A 337 -22.12 8.93 9.08
CA CYS A 337 -23.14 8.76 10.11
C CYS A 337 -22.52 9.15 11.44
N TRP A 338 -23.34 9.74 12.32
CA TRP A 338 -22.83 10.29 13.57
C TRP A 338 -22.55 9.20 14.60
N VAL A 339 -23.44 8.21 14.72
CA VAL A 339 -23.26 7.11 15.65
C VAL A 339 -23.37 5.81 14.86
N PRO A 340 -22.24 5.17 14.55
CA PRO A 340 -22.29 3.91 13.81
C PRO A 340 -22.91 2.80 14.63
N HIS A 341 -23.54 1.86 13.92
CA HIS A 341 -24.01 0.64 14.57
C HIS A 341 -22.82 -0.19 15.03
N SER A 342 -22.95 -0.79 16.20
CA SER A 342 -21.98 -1.73 16.73
C SER A 342 -22.58 -3.13 16.66
N CYS A 343 -22.18 -3.93 15.68
CA CYS A 343 -22.80 -5.23 15.44
C CYS A 343 -21.98 -6.34 16.10
N LYS A 344 -22.58 -7.06 17.01
CA LYS A 344 -21.96 -8.19 17.67
C LYS A 344 -22.33 -9.43 16.85
N LEU A 345 -21.38 -10.03 16.15
CA LEU A 345 -21.72 -11.03 15.16
C LEU A 345 -20.97 -12.32 15.41
N THR A 346 -21.59 -13.41 14.99
CA THR A 346 -20.98 -14.73 14.99
C THR A 346 -21.11 -15.33 13.60
N SER A 347 -20.35 -16.38 13.37
CA SER A 347 -20.44 -17.13 12.13
C SER A 347 -19.85 -18.49 12.39
N LYS A 348 -20.46 -19.51 11.79
CA LYS A 348 -19.90 -20.84 11.92
C LYS A 348 -18.54 -20.92 11.25
N GLU A 349 -18.17 -19.94 10.43
CA GLU A 349 -16.82 -19.96 9.84
C GLU A 349 -15.75 -19.53 10.84
N VAL A 350 -16.14 -18.85 11.90
CA VAL A 350 -15.24 -18.36 12.95
C VAL A 350 -15.77 -18.92 14.27
N PRO A 351 -15.70 -20.22 14.46
CA PRO A 351 -16.46 -20.85 15.57
C PRO A 351 -16.02 -20.34 16.93
N GLY A 352 -16.99 -20.03 17.78
CA GLY A 352 -16.71 -19.63 19.16
C GLY A 352 -16.66 -18.13 19.38
N GLU A 353 -16.03 -17.42 18.46
CA GLU A 353 -15.81 -15.99 18.64
C GLU A 353 -17.06 -15.21 18.36
N THR A 354 -17.19 -14.11 19.09
CA THR A 354 -18.12 -13.05 18.78
C THR A 354 -17.30 -11.83 18.40
N ILE A 355 -17.56 -11.25 17.23
CA ILE A 355 -16.73 -10.16 16.74
C ILE A 355 -17.59 -8.94 16.51
N ASN A 356 -17.19 -7.82 17.10
CA ASN A 356 -17.89 -6.55 16.93
C ASN A 356 -17.48 -5.93 15.60
N LEU A 357 -18.46 -5.56 14.80
CA LEU A 357 -18.22 -4.90 13.53
C LEU A 357 -19.00 -3.59 13.57
N GLN A 358 -18.29 -2.48 13.43
CA GLN A 358 -18.95 -1.18 13.40
C GLN A 358 -19.13 -0.73 11.96
N THR A 359 -20.32 -0.20 11.65
CA THR A 359 -20.69 0.20 10.31
C THR A 359 -21.85 1.18 10.39
N CYS A 360 -21.94 2.07 9.40
CA CYS A 360 -23.12 2.93 9.28
C CYS A 360 -24.31 2.17 8.74
N LEU A 361 -24.08 1.01 8.15
CA LEU A 361 -25.17 0.17 7.67
C LEU A 361 -25.84 -0.53 8.84
N ARG A 362 -27.09 -0.98 8.60
CA ARG A 362 -27.72 -1.90 9.55
C ARG A 362 -26.89 -3.18 9.64
N CYS A 363 -26.96 -3.83 10.81
CA CYS A 363 -26.15 -5.01 11.02
C CYS A 363 -26.59 -6.14 10.09
N PRO A 364 -25.65 -6.90 9.54
CA PRO A 364 -26.02 -8.09 8.75
C PRO A 364 -26.41 -9.21 9.69
N VAL A 365 -26.96 -10.31 9.13
CA VAL A 365 -27.41 -11.40 10.01
C VAL A 365 -26.28 -12.31 10.46
N ASN A 366 -25.14 -12.29 9.77
CA ASN A 366 -24.03 -13.22 9.93
C ASN A 366 -22.73 -12.41 9.94
N TYR A 367 -21.71 -12.88 10.67
CA TYR A 367 -20.39 -12.24 10.58
C TYR A 367 -19.73 -12.52 9.22
N PRO A 368 -19.43 -11.50 8.41
CA PRO A 368 -18.82 -11.77 7.09
C PRO A 368 -17.52 -12.56 7.21
N TRP A 369 -17.34 -13.51 6.30
CA TRP A 369 -16.09 -14.27 6.22
C TRP A 369 -15.96 -14.84 4.81
N LEU A 370 -15.00 -15.74 4.62
CA LEU A 370 -14.63 -16.24 3.29
C LEU A 370 -15.83 -16.71 2.48
N ASN A 371 -16.69 -17.54 3.06
CA ASN A 371 -17.79 -18.11 2.29
C ASN A 371 -19.04 -17.21 2.28
N ASP A 372 -19.03 -16.11 3.02
CA ASP A 372 -20.19 -15.21 3.07
C ASP A 372 -19.67 -13.79 3.34
N PRO A 373 -19.06 -13.16 2.35
CA PRO A 373 -18.48 -11.84 2.59
C PRO A 373 -19.53 -10.74 2.78
N THR A 374 -20.78 -10.93 2.33
CA THR A 374 -21.80 -9.91 2.61
C THR A 374 -22.41 -10.08 3.98
N GLY A 375 -22.18 -11.22 4.63
CA GLY A 375 -22.82 -11.55 5.89
C GLY A 375 -24.31 -11.78 5.78
N ASP A 376 -24.84 -12.04 4.58
CA ASP A 376 -26.29 -12.14 4.42
C ASP A 376 -26.83 -13.51 4.80
N GLY A 377 -25.99 -14.53 4.94
CA GLY A 377 -26.49 -15.84 5.28
C GLY A 377 -27.29 -16.56 4.19
N HIS A 378 -27.20 -16.11 2.94
CA HIS A 378 -27.95 -16.72 1.83
C HIS A 378 -27.34 -18.07 1.45
N TYR A 379 -28.14 -18.90 0.78
CA TYR A 379 -27.65 -20.17 0.24
C TYR A 379 -27.17 -20.00 -1.19
N HIS A 380 -26.09 -20.72 -1.50
CA HIS A 380 -25.44 -20.58 -2.78
C HIS A 380 -25.64 -21.83 -3.64
#